data_4L54
#
_entry.id   4L54
#
_cell.length_a   59.710
_cell.length_b   59.710
_cell.length_c   245.520
_cell.angle_alpha   90.00
_cell.angle_beta   90.00
_cell.angle_gamma   90.00
#
_symmetry.space_group_name_H-M   'P 43 21 2'
#
loop_
_entity.id
_entity.type
_entity.pdbx_description
1 polymer 'Terminal olefin-forming fatty acid decarboxylase'
2 non-polymer 'PROTOPORPHYRIN IX CONTAINING FE'
3 water water
#
_entity_poly.entity_id   1
_entity_poly.type   'polypeptide(L)'
_entity_poly.pdbx_seq_one_letter_code
;MATLKRDKGLDNTLKVLKQGYLYTTNQRNRLNTSVFQTKALGGKPFVVVTGKEGAEMFYNNDVVQREGMLPKRIVNTLFG
KGAIHTVDGKKHVDRKALFMSLMTEGNLNYVRELTRTLWHANTQRMESMDEVNIYRESIVLLTKVGTRWAGVQAPPEDIE
RIATDMDIMIDSFRALGGAFKGYKASKEARRRVEDWLEEQIIETRKGNIHPPEGTALYEFAHWEDYLGNPMDSRTCAIDL
MNTFRPLIAINRFVSFGLHAMNENPITREKIKSEPDYAYKFAQEVRRYYPFVPFLPGKAKVDIDFQGVTIPAGVGLALDV
YGTTHDESLWDDPNEFRPERFETWDGSPFDLIPQGGGDYWTNHRCAGEWITVIIMEETMKYFAEKITYDVPEQDLEVDLN
SIPGYVKSGFVIKNVREVVDRT
;
_entity_poly.pdbx_strand_id   A
#
loop_
_chem_comp.id
_chem_comp.type
_chem_comp.name
_chem_comp.formula
HEM non-polymer 'PROTOPORPHYRIN IX CONTAINING FE' 'C34 H32 Fe N4 O4'
#
# COMPACT_ATOMS: atom_id res chain seq x y z
N LEU A 4 0.43 25.99 -19.91
CA LEU A 4 0.66 24.59 -19.36
C LEU A 4 1.97 23.98 -19.84
N LYS A 5 2.88 23.81 -18.91
CA LYS A 5 4.28 23.45 -19.20
C LYS A 5 4.44 21.97 -19.49
N ARG A 6 5.35 21.65 -20.40
CA ARG A 6 5.63 20.27 -20.74
C ARG A 6 7.07 19.84 -20.43
N ASP A 7 7.21 18.63 -19.89
CA ASP A 7 8.41 17.82 -20.09
C ASP A 7 8.22 17.15 -21.45
N LYS A 8 8.85 17.69 -22.48
CA LYS A 8 8.53 17.31 -23.86
C LYS A 8 9.07 15.95 -24.20
N GLY A 9 8.47 15.32 -25.20
CA GLY A 9 8.85 14.00 -25.68
C GLY A 9 7.63 13.20 -26.10
N LEU A 10 7.86 12.19 -26.93
CA LEU A 10 6.76 11.37 -27.41
C LEU A 10 6.33 10.42 -26.31
N ASP A 11 7.28 9.93 -25.52
CA ASP A 11 6.95 9.10 -24.38
C ASP A 11 8.11 9.09 -23.42
N ASN A 12 7.86 9.57 -22.22
CA ASN A 12 8.86 9.79 -21.23
C ASN A 12 8.83 8.66 -20.17
N THR A 13 8.12 7.57 -20.46
CA THR A 13 8.03 6.45 -19.52
C THR A 13 9.44 6.03 -19.02
N LEU A 14 10.38 5.78 -19.93
CA LEU A 14 11.72 5.35 -19.54
C LEU A 14 12.40 6.39 -18.66
N LYS A 15 12.21 7.66 -18.99
CA LYS A 15 12.69 8.75 -18.16
C LYS A 15 12.03 8.73 -16.75
N VAL A 16 10.72 8.53 -16.70
CA VAL A 16 10.04 8.37 -15.44
C VAL A 16 10.64 7.22 -14.67
N LEU A 17 10.92 6.09 -15.31
CA LEU A 17 11.54 4.93 -14.62
C LEU A 17 12.97 5.17 -14.17
N LYS A 18 13.71 5.97 -14.93
CA LYS A 18 15.07 6.28 -14.60
C LYS A 18 15.15 7.19 -13.35
N GLN A 19 14.20 8.13 -13.21
CA GLN A 19 14.16 9.04 -12.08
C GLN A 19 13.31 8.54 -10.90
N GLY A 20 12.40 7.60 -11.18
CA GLY A 20 11.57 6.99 -10.15
C GLY A 20 10.76 7.95 -9.30
N TYR A 21 10.92 7.85 -7.99
CA TYR A 21 10.12 8.68 -7.08
C TYR A 21 10.39 10.17 -7.16
N LEU A 22 11.47 10.60 -7.79
CA LEU A 22 11.86 11.99 -7.84
C LEU A 22 11.60 12.59 -9.22
N TYR A 23 11.10 11.81 -10.17
CA TYR A 23 10.77 12.36 -11.49
C TYR A 23 9.94 13.62 -11.38
N THR A 24 8.82 13.53 -10.68
CA THR A 24 7.89 14.62 -10.70
C THR A 24 8.46 15.84 -10.07
N THR A 25 9.24 15.66 -9.00
CA THR A 25 9.83 16.80 -8.32
C THR A 25 10.91 17.46 -9.16
N ASN A 26 11.74 16.65 -9.82
CA ASN A 26 12.69 17.15 -10.76
C ASN A 26 12.04 18.01 -11.86
N GLN A 27 10.86 17.63 -12.35
CA GLN A 27 10.26 18.36 -13.43
C GLN A 27 9.70 19.68 -12.95
N ARG A 28 9.07 19.68 -11.78
CA ARG A 28 8.59 20.92 -11.16
C ARG A 28 9.72 21.92 -10.86
N ASN A 29 10.85 21.44 -10.35
CA ASN A 29 12.02 22.28 -10.13
C ASN A 29 12.51 22.90 -11.45
N ARG A 30 12.70 22.05 -12.46
CA ARG A 30 13.33 22.47 -13.72
C ARG A 30 12.45 23.36 -14.59
N LEU A 31 11.15 23.05 -14.68
CA LEU A 31 10.16 23.86 -15.37
C LEU A 31 9.61 24.99 -14.45
N ASN A 32 9.97 24.96 -13.16
CA ASN A 32 9.75 26.10 -12.30
C ASN A 32 8.25 26.38 -12.19
N THR A 33 7.53 25.36 -11.74
CA THR A 33 6.07 25.35 -11.77
C THR A 33 5.50 24.32 -10.83
N SER A 34 4.20 24.37 -10.59
CA SER A 34 3.58 23.39 -9.69
C SER A 34 2.77 22.31 -10.42
N VAL A 35 2.59 22.47 -11.72
CA VAL A 35 1.81 21.54 -12.52
C VAL A 35 2.45 21.49 -13.91
N PHE A 36 2.44 20.31 -14.52
CA PHE A 36 3.08 20.13 -15.79
C PHE A 36 2.51 18.87 -16.42
N GLN A 37 2.79 18.74 -17.72
CA GLN A 37 2.26 17.69 -18.55
C GLN A 37 3.41 16.87 -19.00
N THR A 38 3.19 15.59 -19.17
CA THR A 38 4.18 14.69 -19.70
C THR A 38 3.42 13.56 -20.37
N LYS A 39 3.90 13.12 -21.53
CA LYS A 39 3.36 11.94 -22.16
C LYS A 39 4.04 10.68 -21.62
N ALA A 40 3.25 9.66 -21.36
CA ALA A 40 3.76 8.40 -20.84
C ALA A 40 2.77 7.26 -21.13
N LEU A 41 3.21 6.02 -20.98
CA LEU A 41 2.35 4.86 -21.15
C LEU A 41 1.79 4.80 -22.58
N GLY A 42 2.58 5.21 -23.57
CA GLY A 42 2.19 5.05 -24.99
C GLY A 42 1.70 6.33 -25.66
N GLY A 43 2.36 7.45 -25.37
CA GLY A 43 1.99 8.74 -25.95
C GLY A 43 0.87 9.49 -25.25
N LYS A 44 0.27 8.88 -24.22
CA LYS A 44 -0.87 9.50 -23.54
C LYS A 44 -0.42 10.69 -22.67
N PRO A 45 -0.98 11.87 -22.92
CA PRO A 45 -0.64 13.02 -22.08
C PRO A 45 -1.25 12.94 -20.66
N PHE A 46 -0.45 13.28 -19.66
CA PHE A 46 -0.88 13.25 -18.26
C PHE A 46 -0.45 14.53 -17.58
N VAL A 47 -1.39 15.21 -16.94
CA VAL A 47 -1.08 16.37 -16.13
C VAL A 47 -0.82 15.92 -14.67
N VAL A 48 0.41 16.19 -14.20
CA VAL A 48 0.82 15.86 -12.85
C VAL A 48 0.46 17.02 -11.88
N VAL A 49 -0.42 16.71 -10.93
CA VAL A 49 -0.87 17.66 -9.92
C VAL A 49 -0.42 17.19 -8.53
N THR A 50 -0.29 18.14 -7.63
CA THR A 50 0.42 17.91 -6.44
C THR A 50 -0.17 18.72 -5.28
N GLY A 51 0.27 18.40 -4.07
CA GLY A 51 -0.11 19.15 -2.90
C GLY A 51 -1.55 18.92 -2.53
N LYS A 52 -1.99 19.67 -1.52
CA LYS A 52 -3.34 19.62 -0.98
C LYS A 52 -4.37 20.00 -2.00
N GLU A 53 -4.00 20.91 -2.85
CA GLU A 53 -4.91 21.49 -3.79
C GLU A 53 -5.04 20.52 -4.95
N GLY A 54 -3.92 19.88 -5.29
CA GLY A 54 -3.94 18.81 -6.29
C GLY A 54 -4.78 17.65 -5.82
N ALA A 55 -4.58 17.28 -4.56
CA ALA A 55 -5.30 16.14 -3.98
C ALA A 55 -6.82 16.41 -3.95
N GLU A 56 -7.23 17.59 -3.53
CA GLU A 56 -8.66 17.94 -3.49
C GLU A 56 -9.35 17.90 -4.83
N MET A 57 -8.69 18.42 -5.84
CA MET A 57 -9.24 18.35 -7.17
C MET A 57 -9.29 16.91 -7.66
N PHE A 58 -8.18 16.19 -7.48
CA PHE A 58 -8.08 14.80 -8.02
C PHE A 58 -9.23 13.93 -7.53
N TYR A 59 -9.70 14.20 -6.31
CA TYR A 59 -10.77 13.43 -5.68
C TYR A 59 -12.12 14.12 -5.74
N ASN A 60 -12.23 15.10 -6.63
CA ASN A 60 -13.52 15.67 -6.99
C ASN A 60 -14.16 14.83 -8.08
N ASN A 61 -15.16 14.03 -7.71
CA ASN A 61 -15.78 13.11 -8.63
C ASN A 61 -16.59 13.76 -9.76
N ASP A 62 -17.00 15.04 -9.60
CA ASP A 62 -17.72 15.72 -10.70
C ASP A 62 -16.80 15.93 -11.89
N VAL A 63 -15.51 15.97 -11.65
CA VAL A 63 -14.56 16.45 -12.61
C VAL A 63 -13.50 15.41 -13.04
N VAL A 64 -13.26 14.40 -12.20
CA VAL A 64 -12.22 13.41 -12.43
C VAL A 64 -12.78 12.01 -12.53
N GLN A 65 -12.44 11.34 -13.62
CA GLN A 65 -12.73 9.90 -13.84
C GLN A 65 -11.52 9.00 -13.46
N ARG A 66 -11.74 7.88 -12.79
CA ARG A 66 -10.66 6.89 -12.51
C ARG A 66 -10.75 5.65 -13.38
N GLU A 67 -11.98 5.18 -13.58
CA GLU A 67 -12.35 4.06 -14.45
C GLU A 67 -11.60 4.08 -15.77
N GLY A 68 -10.95 2.95 -16.09
CA GLY A 68 -10.20 2.78 -17.31
C GLY A 68 -8.80 3.36 -17.36
N MET A 69 -8.29 3.93 -16.27
CA MET A 69 -7.05 4.71 -16.34
C MET A 69 -5.78 3.99 -15.80
N LEU A 70 -5.97 2.92 -15.03
CA LEU A 70 -4.84 2.03 -14.74
C LEU A 70 -4.40 1.28 -16.02
N PRO A 71 -3.08 1.25 -16.28
CA PRO A 71 -2.54 0.43 -17.36
C PRO A 71 -3.00 -1.01 -17.18
N LYS A 72 -3.40 -1.63 -18.29
CA LYS A 72 -3.87 -3.03 -18.30
C LYS A 72 -2.96 -4.06 -17.65
N ARG A 73 -1.66 -3.95 -17.86
CA ARG A 73 -0.78 -4.91 -17.27
C ARG A 73 -0.85 -4.85 -15.74
N ILE A 74 -1.03 -3.66 -15.20
CA ILE A 74 -1.10 -3.55 -13.76
C ILE A 74 -2.42 -4.07 -13.22
N VAL A 75 -3.51 -3.86 -13.96
CA VAL A 75 -4.77 -4.46 -13.62
C VAL A 75 -4.61 -5.97 -13.64
N ASN A 76 -3.92 -6.48 -14.67
CA ASN A 76 -3.78 -7.94 -14.83
C ASN A 76 -2.93 -8.58 -13.73
N THR A 77 -2.00 -7.83 -13.12
CA THR A 77 -1.17 -8.43 -12.07
C THR A 77 -1.46 -7.97 -10.65
N LEU A 78 -1.59 -6.69 -10.42
CA LEU A 78 -1.63 -6.19 -9.07
C LEU A 78 -3.02 -6.34 -8.53
N PHE A 79 -4.01 -5.76 -9.21
CA PHE A 79 -5.36 -5.64 -8.64
C PHE A 79 -6.34 -6.65 -9.08
N GLY A 80 -6.15 -7.18 -10.30
CA GLY A 80 -7.09 -8.15 -10.86
C GLY A 80 -8.14 -7.46 -11.71
N LYS A 81 -8.60 -8.17 -12.75
CA LYS A 81 -9.69 -7.74 -13.63
C LYS A 81 -11.04 -7.68 -12.92
N GLY A 82 -11.72 -6.55 -13.11
CA GLY A 82 -13.02 -6.35 -12.52
C GLY A 82 -12.97 -5.94 -11.05
N ALA A 83 -11.76 -5.69 -10.53
CA ALA A 83 -11.51 -5.31 -9.16
C ALA A 83 -12.08 -3.96 -8.82
N ILE A 84 -12.28 -3.73 -7.53
CA ILE A 84 -12.87 -2.43 -7.10
C ILE A 84 -12.12 -1.22 -7.64
N HIS A 85 -10.78 -1.33 -7.69
CA HIS A 85 -9.97 -0.22 -8.22
C HIS A 85 -10.40 0.23 -9.62
N THR A 86 -11.05 -0.65 -10.39
CA THR A 86 -11.37 -0.38 -11.81
C THR A 86 -12.80 0.09 -12.08
N VAL A 87 -13.64 0.23 -11.07
CA VAL A 87 -15.00 0.69 -11.32
C VAL A 87 -15.29 2.04 -10.65
N ASP A 88 -16.22 2.82 -11.22
CA ASP A 88 -16.60 4.15 -10.72
C ASP A 88 -18.11 4.25 -10.43
N GLY A 89 -18.50 5.39 -9.87
CA GLY A 89 -19.89 5.77 -9.71
C GLY A 89 -20.60 4.88 -8.70
N LYS A 90 -21.85 4.60 -8.97
CA LYS A 90 -22.70 3.80 -8.09
C LYS A 90 -22.15 2.39 -7.80
N LYS A 91 -21.74 1.70 -8.82
CA LYS A 91 -21.23 0.37 -8.66
C LYS A 91 -20.05 0.41 -7.64
N HIS A 92 -19.23 1.45 -7.75
CA HIS A 92 -18.12 1.62 -6.85
C HIS A 92 -18.51 1.90 -5.39
N VAL A 93 -19.54 2.72 -5.17
CA VAL A 93 -19.85 3.19 -3.84
C VAL A 93 -20.42 1.97 -3.12
N ASP A 94 -21.24 1.23 -3.85
CA ASP A 94 -21.85 0.02 -3.34
C ASP A 94 -20.81 -1.02 -2.89
N ARG A 95 -19.88 -1.40 -3.74
CA ARG A 95 -18.86 -2.33 -3.35
C ARG A 95 -17.87 -1.78 -2.30
N LYS A 96 -17.50 -0.51 -2.40
CA LYS A 96 -16.63 0.09 -1.44
C LYS A 96 -17.25 -0.03 -0.07
N ALA A 97 -18.56 0.07 0.01
CA ALA A 97 -19.20 0.01 1.35
C ALA A 97 -18.97 -1.39 1.97
N LEU A 98 -18.94 -2.41 1.13
CA LEU A 98 -18.61 -3.76 1.58
C LEU A 98 -17.21 -3.88 2.15
N PHE A 99 -16.23 -3.28 1.48
CA PHE A 99 -14.90 -3.28 2.03
C PHE A 99 -14.84 -2.59 3.37
N MET A 100 -15.40 -1.39 3.49
CA MET A 100 -15.46 -0.60 4.75
C MET A 100 -16.27 -1.23 5.85
N SER A 101 -17.23 -2.09 5.52
CA SER A 101 -17.99 -2.77 6.57
C SER A 101 -17.11 -3.74 7.35
N LEU A 102 -15.99 -4.15 6.78
CA LEU A 102 -15.05 -5.00 7.47
C LEU A 102 -14.26 -4.25 8.53
N MET A 103 -14.22 -2.92 8.45
CA MET A 103 -13.37 -2.15 9.32
C MET A 103 -14.13 -1.60 10.54
N THR A 104 -14.68 -2.52 11.30
CA THR A 104 -15.32 -2.21 12.54
C THR A 104 -14.28 -2.22 13.64
N GLU A 105 -14.66 -1.71 14.80
CA GLU A 105 -13.79 -1.65 15.96
C GLU A 105 -13.27 -3.02 16.37
N GLY A 106 -14.13 -4.02 16.34
CA GLY A 106 -13.78 -5.36 16.79
C GLY A 106 -12.80 -5.98 15.82
N ASN A 107 -13.13 -5.90 14.53
CA ASN A 107 -12.24 -6.46 13.52
C ASN A 107 -10.86 -5.79 13.55
N LEU A 108 -10.85 -4.50 13.87
CA LEU A 108 -9.60 -3.75 13.93
C LEU A 108 -8.73 -4.18 15.13
N ASN A 109 -9.36 -4.39 16.28
CA ASN A 109 -8.67 -4.96 17.45
C ASN A 109 -8.21 -6.39 17.20
N TYR A 110 -8.95 -7.12 16.40
CA TYR A 110 -8.57 -8.49 16.10
C TYR A 110 -7.27 -8.50 15.29
N VAL A 111 -7.14 -7.59 14.32
CA VAL A 111 -5.90 -7.60 13.57
C VAL A 111 -4.72 -7.21 14.48
N ARG A 112 -4.97 -6.33 15.45
CA ARG A 112 -3.91 -5.91 16.39
C ARG A 112 -3.43 -7.07 17.23
N GLU A 113 -4.38 -7.84 17.75
CA GLU A 113 -4.09 -9.01 18.58
C GLU A 113 -3.41 -10.13 17.81
N LEU A 114 -3.94 -10.45 16.65
CA LEU A 114 -3.31 -11.44 15.80
C LEU A 114 -1.87 -11.02 15.49
N THR A 115 -1.62 -9.75 15.19
CA THR A 115 -0.26 -9.30 14.85
C THR A 115 0.71 -9.44 16.03
N ARG A 116 0.30 -8.90 17.15
CA ARG A 116 1.03 -9.04 18.40
C ARG A 116 1.25 -10.52 18.78
N THR A 117 0.23 -11.38 18.67
CA THR A 117 0.41 -12.77 19.06
C THR A 117 1.39 -13.46 18.15
N LEU A 118 1.27 -13.23 16.85
CA LEU A 118 2.24 -13.92 15.96
C LEU A 118 3.71 -13.51 16.16
N TRP A 119 3.96 -12.20 16.32
CA TRP A 119 5.32 -11.74 16.62
C TRP A 119 5.81 -12.30 17.94
N HIS A 120 5.07 -12.15 19.00
CA HIS A 120 5.48 -12.79 20.26
C HIS A 120 5.74 -14.28 20.07
N ALA A 121 4.93 -14.98 19.27
CA ALA A 121 5.11 -16.43 19.09
C ALA A 121 6.32 -16.78 18.21
N ASN A 122 6.79 -15.80 17.45
CA ASN A 122 7.83 -16.04 16.47
C ASN A 122 9.25 -15.76 16.98
N THR A 123 9.37 -15.44 18.24
CA THR A 123 10.68 -15.07 18.77
C THR A 123 11.73 -16.18 18.78
N GLN A 124 11.31 -17.35 19.20
CA GLN A 124 12.20 -18.48 19.27
C GLN A 124 12.75 -18.80 17.90
N ARG A 125 11.88 -18.76 16.90
CA ARG A 125 12.29 -19.12 15.55
C ARG A 125 13.40 -18.14 15.05
N MET A 126 13.20 -16.87 15.27
CA MET A 126 14.16 -15.83 14.88
C MET A 126 15.46 -15.88 15.73
N GLU A 127 15.36 -16.30 16.98
CA GLU A 127 16.56 -16.58 17.80
C GLU A 127 17.38 -17.68 17.18
N SER A 128 16.70 -18.63 16.58
CA SER A 128 17.33 -19.80 16.00
C SER A 128 18.04 -19.62 14.67
N MET A 129 17.75 -18.54 13.97
CA MET A 129 18.34 -18.31 12.66
C MET A 129 19.69 -17.59 12.81
N ASP A 130 20.62 -17.89 11.88
CA ASP A 130 21.87 -17.14 11.76
C ASP A 130 21.57 -15.69 11.42
N GLU A 131 20.78 -15.47 10.39
CA GLU A 131 20.33 -14.13 10.09
C GLU A 131 18.88 -14.16 9.73
N VAL A 132 18.18 -13.08 10.05
CA VAL A 132 16.80 -12.93 9.67
C VAL A 132 16.64 -11.80 8.70
N ASN A 133 16.20 -12.09 7.49
CA ASN A 133 15.86 -11.01 6.55
C ASN A 133 14.43 -10.52 6.85
N ILE A 134 14.27 -9.28 7.31
CA ILE A 134 13.02 -8.80 7.87
C ILE A 134 11.93 -8.61 6.81
N TYR A 135 12.35 -8.31 5.61
CA TYR A 135 11.44 -8.21 4.49
C TYR A 135 10.70 -9.53 4.32
N ARG A 136 11.46 -10.61 4.28
CA ARG A 136 10.95 -11.96 4.07
C ARG A 136 10.22 -12.42 5.31
N GLU A 137 10.79 -12.15 6.48
CA GLU A 137 10.20 -12.75 7.67
C GLU A 137 8.89 -12.06 7.94
N SER A 138 8.79 -10.78 7.65
CA SER A 138 7.54 -10.12 7.90
C SER A 138 6.51 -10.48 6.84
N ILE A 139 6.91 -10.71 5.60
CA ILE A 139 5.87 -11.07 4.57
C ILE A 139 5.19 -12.40 4.92
N VAL A 140 5.97 -13.33 5.42
CA VAL A 140 5.50 -14.66 5.82
C VAL A 140 4.57 -14.51 7.03
N LEU A 141 5.01 -13.78 8.04
CA LEU A 141 4.18 -13.58 9.22
C LEU A 141 2.85 -12.91 8.87
N LEU A 142 2.91 -11.85 8.06
CA LEU A 142 1.73 -11.10 7.68
C LEU A 142 0.84 -11.90 6.72
N THR A 143 1.40 -12.85 6.00
CA THR A 143 0.55 -13.81 5.31
C THR A 143 -0.31 -14.63 6.27
N LYS A 144 0.27 -15.08 7.35
CA LYS A 144 -0.58 -15.71 8.40
C LYS A 144 -1.59 -14.75 9.04
N VAL A 145 -1.22 -13.49 9.31
CA VAL A 145 -2.20 -12.53 9.87
C VAL A 145 -3.33 -12.28 8.89
N GLY A 146 -2.96 -12.07 7.63
CA GLY A 146 -3.87 -11.65 6.61
C GLY A 146 -4.86 -12.70 6.15
N THR A 147 -4.41 -13.94 6.00
CA THR A 147 -5.34 -15.01 5.66
C THR A 147 -6.35 -15.19 6.77
N ARG A 148 -5.85 -15.29 7.99
CA ARG A 148 -6.73 -15.49 9.14
C ARG A 148 -7.71 -14.35 9.36
N TRP A 149 -7.23 -13.13 9.29
CA TRP A 149 -8.08 -11.99 9.43
C TRP A 149 -9.24 -12.08 8.42
N ALA A 150 -8.92 -12.39 7.17
CA ALA A 150 -9.88 -12.49 6.08
C ALA A 150 -10.78 -13.76 6.14
N GLY A 151 -10.59 -14.62 7.16
CA GLY A 151 -11.41 -15.83 7.33
C GLY A 151 -11.10 -16.96 6.35
N VAL A 152 -9.96 -16.88 5.66
CA VAL A 152 -9.51 -17.87 4.71
C VAL A 152 -8.50 -18.75 5.43
N GLN A 153 -8.70 -20.06 5.42
CA GLN A 153 -7.82 -20.95 6.22
C GLN A 153 -6.69 -21.44 5.31
N ALA A 154 -5.47 -20.95 5.53
CA ALA A 154 -4.29 -21.38 4.80
C ALA A 154 -3.40 -22.18 5.76
N PRO A 155 -3.24 -23.49 5.48
CA PRO A 155 -2.37 -24.32 6.30
C PRO A 155 -0.95 -23.75 6.40
N PRO A 156 -0.23 -24.04 7.50
CA PRO A 156 1.19 -23.74 7.71
C PRO A 156 2.08 -24.12 6.53
N GLU A 157 1.84 -25.33 6.04
CA GLU A 157 2.51 -25.89 4.85
C GLU A 157 2.44 -25.01 3.59
N ASP A 158 1.41 -24.19 3.45
CA ASP A 158 1.24 -23.45 2.20
C ASP A 158 1.63 -21.99 2.27
N ILE A 159 1.90 -21.50 3.46
CA ILE A 159 2.11 -20.10 3.71
C ILE A 159 3.30 -19.53 2.91
N GLU A 160 4.40 -20.26 2.87
CA GLU A 160 5.56 -19.77 2.18
C GLU A 160 5.29 -19.59 0.69
N ARG A 161 4.56 -20.53 0.09
CA ARG A 161 4.17 -20.44 -1.31
C ARG A 161 3.30 -19.18 -1.54
N ILE A 162 2.28 -19.03 -0.71
CA ILE A 162 1.35 -17.93 -0.86
C ILE A 162 2.10 -16.61 -0.67
N ALA A 163 2.97 -16.54 0.35
CA ALA A 163 3.71 -15.30 0.58
C ALA A 163 4.46 -14.91 -0.69
N THR A 164 5.26 -15.84 -1.19
CA THR A 164 6.01 -15.60 -2.39
C THR A 164 5.16 -15.10 -3.58
N ASP A 165 4.02 -15.76 -3.83
CA ASP A 165 3.10 -15.32 -4.87
C ASP A 165 2.59 -13.89 -4.68
N MET A 166 2.26 -13.54 -3.43
CA MET A 166 1.85 -12.18 -3.12
C MET A 166 3.00 -11.21 -3.35
N ASP A 167 4.21 -11.57 -2.93
CA ASP A 167 5.33 -10.69 -3.09
C ASP A 167 5.49 -10.27 -4.56
N ILE A 168 5.37 -11.22 -5.48
CA ILE A 168 5.53 -10.98 -6.90
C ILE A 168 4.44 -10.05 -7.44
N MET A 169 3.22 -10.32 -7.00
CA MET A 169 2.12 -9.49 -7.41
C MET A 169 2.34 -8.04 -6.93
N ILE A 170 2.62 -7.86 -5.66
CA ILE A 170 2.76 -6.51 -5.09
C ILE A 170 3.85 -5.71 -5.83
N ASP A 171 4.93 -6.37 -6.22
CA ASP A 171 6.06 -5.76 -6.95
C ASP A 171 5.72 -5.37 -8.40
N SER A 172 4.57 -5.79 -8.91
CA SER A 172 4.37 -5.79 -10.34
C SER A 172 3.96 -4.44 -10.92
N PHE A 173 3.97 -3.38 -10.11
CA PHE A 173 3.85 -2.03 -10.67
C PHE A 173 5.22 -1.43 -11.05
N ARG A 174 6.32 -2.15 -10.83
CA ARG A 174 7.66 -1.65 -11.19
C ARG A 174 7.90 -1.02 -12.59
N ALA A 175 7.20 -1.50 -13.62
CA ALA A 175 7.41 -1.03 -15.01
C ALA A 175 6.27 -0.09 -15.44
N LEU A 176 5.47 0.35 -14.47
CA LEU A 176 4.37 1.27 -14.72
C LEU A 176 3.42 0.84 -15.84
N GLY A 177 3.20 -0.48 -15.90
CA GLY A 177 2.38 -1.07 -16.95
C GLY A 177 3.06 -1.50 -18.24
N GLY A 178 4.38 -1.30 -18.37
CA GLY A 178 5.12 -1.74 -19.58
C GLY A 178 5.49 -3.24 -19.48
N ALA A 179 6.07 -3.78 -20.56
CA ALA A 179 6.56 -5.16 -20.52
C ALA A 179 7.83 -5.24 -19.63
N PHE A 180 7.96 -6.30 -18.84
CA PHE A 180 9.20 -6.60 -18.08
C PHE A 180 9.28 -8.10 -18.01
N LYS A 181 10.44 -8.62 -17.65
CA LYS A 181 10.66 -10.10 -17.75
C LYS A 181 9.83 -10.89 -16.75
N GLY A 182 9.62 -10.33 -15.55
CA GLY A 182 8.74 -10.94 -14.53
C GLY A 182 7.23 -10.96 -14.79
N TYR A 183 6.76 -10.23 -15.81
CA TYR A 183 5.34 -10.09 -16.06
C TYR A 183 4.61 -11.43 -16.02
N LYS A 184 5.05 -12.35 -16.84
CA LYS A 184 4.31 -13.59 -16.99
C LYS A 184 4.30 -14.38 -15.67
N ALA A 185 5.39 -14.35 -14.92
CA ALA A 185 5.42 -15.01 -13.62
C ALA A 185 4.44 -14.33 -12.64
N SER A 186 4.34 -12.99 -12.71
CA SER A 186 3.32 -12.26 -11.95
C SER A 186 1.89 -12.70 -12.27
N LYS A 187 1.58 -12.85 -13.55
CA LYS A 187 0.22 -13.34 -13.94
C LYS A 187 -0.11 -14.74 -13.44
N GLU A 188 0.88 -15.61 -13.41
CA GLU A 188 0.70 -17.00 -12.96
C GLU A 188 0.57 -17.10 -11.45
N ALA A 189 1.34 -16.27 -10.75
CA ALA A 189 1.13 -16.10 -9.35
C ALA A 189 -0.30 -15.64 -9.06
N ARG A 190 -0.80 -14.66 -9.81
CA ARG A 190 -2.14 -14.21 -9.62
C ARG A 190 -3.09 -15.33 -9.90
N ARG A 191 -3.00 -15.96 -11.05
CA ARG A 191 -3.88 -17.08 -11.33
C ARG A 191 -3.93 -18.15 -10.19
N ARG A 192 -2.81 -18.59 -9.62
CA ARG A 192 -2.86 -19.57 -8.53
C ARG A 192 -3.57 -19.06 -7.28
N VAL A 193 -3.35 -17.78 -6.99
CA VAL A 193 -4.03 -17.17 -5.86
C VAL A 193 -5.52 -16.98 -6.13
N GLU A 194 -5.89 -16.51 -7.30
CA GLU A 194 -7.29 -16.35 -7.62
C GLU A 194 -8.01 -17.70 -7.59
N ASP A 195 -7.41 -18.73 -8.19
CA ASP A 195 -8.03 -20.10 -8.28
C ASP A 195 -8.35 -20.64 -6.90
N TRP A 196 -7.37 -20.57 -6.02
CA TRP A 196 -7.51 -20.98 -4.64
C TRP A 196 -8.59 -20.18 -3.82
N LEU A 197 -8.64 -18.86 -4.01
CA LEU A 197 -9.70 -18.10 -3.37
C LEU A 197 -11.08 -18.32 -3.98
N GLU A 198 -11.15 -18.52 -5.27
CA GLU A 198 -12.41 -18.81 -5.90
C GLU A 198 -13.04 -20.10 -5.38
N GLU A 199 -12.21 -21.12 -5.16
CA GLU A 199 -12.64 -22.38 -4.61
C GLU A 199 -13.19 -22.19 -3.19
N GLN A 200 -12.59 -21.31 -2.41
CA GLN A 200 -13.11 -21.04 -1.07
C GLN A 200 -14.47 -20.33 -1.11
N ILE A 201 -14.62 -19.42 -2.06
CA ILE A 201 -15.88 -18.74 -2.26
C ILE A 201 -16.97 -19.72 -2.70
N ILE A 202 -16.63 -20.61 -3.61
CA ILE A 202 -17.65 -21.47 -4.20
C ILE A 202 -18.07 -22.42 -3.11
N GLU A 203 -17.10 -23.00 -2.41
CA GLU A 203 -17.36 -23.90 -1.28
C GLU A 203 -18.12 -23.27 -0.11
N THR A 204 -17.82 -22.02 0.21
CA THR A 204 -18.58 -21.27 1.20
C THR A 204 -20.03 -21.11 0.75
N ARG A 205 -20.20 -20.77 -0.52
CA ARG A 205 -21.53 -20.61 -1.08
C ARG A 205 -22.32 -21.88 -1.13
N LYS A 206 -21.66 -23.02 -1.28
CA LYS A 206 -22.34 -24.29 -1.29
C LYS A 206 -22.66 -24.79 0.10
N GLY A 207 -22.20 -24.10 1.15
CA GLY A 207 -22.32 -24.59 2.55
C GLY A 207 -21.37 -25.73 2.99
N ASN A 208 -20.24 -25.89 2.31
CA ASN A 208 -19.24 -26.94 2.64
C ASN A 208 -18.14 -26.48 3.60
N ILE A 209 -17.83 -25.19 3.58
CA ILE A 209 -17.05 -24.60 4.67
C ILE A 209 -17.79 -23.44 5.30
N HIS A 210 -17.33 -23.01 6.47
CA HIS A 210 -18.11 -22.12 7.31
C HIS A 210 -17.21 -21.06 7.94
N PRO A 211 -16.74 -20.10 7.12
CA PRO A 211 -16.01 -18.98 7.65
C PRO A 211 -16.85 -18.21 8.65
N PRO A 212 -16.22 -17.59 9.63
CA PRO A 212 -16.98 -16.82 10.61
C PRO A 212 -17.63 -15.58 10.03
N GLU A 213 -18.86 -15.33 10.44
CA GLU A 213 -19.55 -14.10 10.09
C GLU A 213 -18.71 -12.87 10.45
N GLY A 214 -18.70 -11.89 9.57
CA GLY A 214 -17.92 -10.67 9.80
C GLY A 214 -16.52 -10.78 9.23
N THR A 215 -16.19 -11.91 8.63
CA THR A 215 -14.92 -11.99 7.96
C THR A 215 -15.11 -11.73 6.49
N ALA A 216 -14.02 -11.32 5.86
CA ALA A 216 -13.99 -11.06 4.44
C ALA A 216 -14.57 -12.20 3.62
N LEU A 217 -14.14 -13.42 3.92
CA LEU A 217 -14.58 -14.55 3.10
C LEU A 217 -16.11 -14.67 3.19
N TYR A 218 -16.65 -14.51 4.39
CA TYR A 218 -18.09 -14.66 4.61
C TYR A 218 -18.84 -13.51 3.98
N GLU A 219 -18.42 -12.29 4.34
CA GLU A 219 -19.14 -11.15 3.84
C GLU A 219 -19.12 -11.09 2.32
N PHE A 220 -17.96 -11.42 1.70
CA PHE A 220 -17.79 -11.31 0.26
C PHE A 220 -18.57 -12.36 -0.48
N ALA A 221 -18.52 -13.58 0.02
CA ALA A 221 -19.23 -14.70 -0.56
C ALA A 221 -20.76 -14.51 -0.59
N HIS A 222 -21.33 -13.91 0.44
CA HIS A 222 -22.79 -13.78 0.58
C HIS A 222 -23.33 -12.43 0.16
N TRP A 223 -22.45 -11.47 -0.12
CA TRP A 223 -22.86 -10.11 -0.44
C TRP A 223 -23.60 -10.10 -1.77
N GLU A 224 -24.52 -9.15 -1.88
CA GLU A 224 -25.23 -8.88 -3.12
C GLU A 224 -25.16 -7.39 -3.38
N ASP A 225 -24.96 -7.03 -4.64
CA ASP A 225 -24.81 -5.61 -5.03
C ASP A 225 -26.17 -4.89 -5.03
N TYR A 226 -26.15 -3.61 -5.39
CA TYR A 226 -27.36 -2.77 -5.33
C TYR A 226 -28.47 -3.26 -6.24
N LEU A 227 -28.16 -4.05 -7.26
CA LEU A 227 -29.20 -4.65 -8.09
C LEU A 227 -29.70 -6.00 -7.56
N GLY A 228 -29.21 -6.43 -6.39
CA GLY A 228 -29.57 -7.71 -5.85
C GLY A 228 -28.78 -8.88 -6.44
N ASN A 229 -27.67 -8.64 -7.15
CA ASN A 229 -26.84 -9.76 -7.69
C ASN A 229 -25.54 -9.98 -6.91
N PRO A 230 -25.21 -11.25 -6.65
CA PRO A 230 -23.93 -11.57 -6.05
C PRO A 230 -22.82 -11.27 -7.04
N MET A 231 -21.59 -11.08 -6.56
CA MET A 231 -20.44 -10.99 -7.46
C MET A 231 -20.25 -12.38 -8.14
N ASP A 232 -19.88 -12.42 -9.41
CA ASP A 232 -19.51 -13.73 -9.97
C ASP A 232 -18.27 -14.27 -9.22
N SER A 233 -18.08 -15.58 -9.26
CA SER A 233 -17.16 -16.22 -8.32
C SER A 233 -15.70 -15.72 -8.45
N ARG A 234 -15.25 -15.50 -9.68
CA ARG A 234 -13.87 -15.11 -9.91
C ARG A 234 -13.67 -13.67 -9.46
N THR A 235 -14.59 -12.81 -9.89
CA THR A 235 -14.61 -11.45 -9.47
C THR A 235 -14.69 -11.33 -7.95
N CYS A 236 -15.47 -12.17 -7.34
CA CYS A 236 -15.54 -12.14 -5.88
C CYS A 236 -14.17 -12.59 -5.30
N ALA A 237 -13.45 -13.44 -6.02
CA ALA A 237 -12.12 -13.93 -5.55
C ALA A 237 -11.08 -12.83 -5.67
N ILE A 238 -11.21 -12.05 -6.74
CA ILE A 238 -10.34 -10.94 -7.02
C ILE A 238 -10.50 -9.91 -5.94
N ASP A 239 -11.73 -9.63 -5.55
CA ASP A 239 -11.94 -8.62 -4.55
C ASP A 239 -11.62 -9.04 -3.13
N LEU A 240 -11.78 -10.31 -2.82
CA LEU A 240 -11.39 -10.89 -1.58
C LEU A 240 -9.90 -10.84 -1.38
N MET A 241 -9.15 -11.14 -2.42
CA MET A 241 -7.70 -10.95 -2.35
C MET A 241 -7.30 -9.50 -2.08
N ASN A 242 -8.08 -8.55 -2.61
CA ASN A 242 -7.85 -7.14 -2.41
C ASN A 242 -8.09 -6.74 -0.95
N THR A 243 -8.49 -7.69 -0.17
CA THR A 243 -8.76 -7.44 1.22
C THR A 243 -7.56 -7.84 2.11
N PHE A 244 -6.59 -8.56 1.54
CA PHE A 244 -5.47 -8.94 2.35
C PHE A 244 -4.10 -9.09 1.64
N ARG A 245 -4.07 -9.10 0.33
CA ARG A 245 -2.80 -8.98 -0.35
C ARG A 245 -2.12 -7.66 0.04
N PRO A 246 -2.87 -6.56 0.13
CA PRO A 246 -2.20 -5.31 0.57
C PRO A 246 -1.81 -5.33 2.05
N LEU A 247 -2.52 -6.08 2.87
CA LEU A 247 -2.12 -6.24 4.27
C LEU A 247 -0.74 -6.91 4.30
N ILE A 248 -0.54 -7.88 3.43
CA ILE A 248 0.72 -8.60 3.31
C ILE A 248 1.81 -7.67 2.88
N ALA A 249 1.44 -6.69 2.02
CA ALA A 249 2.33 -5.69 1.43
C ALA A 249 2.85 -4.73 2.47
N ILE A 250 2.24 -4.74 3.65
CA ILE A 250 2.76 -3.94 4.79
C ILE A 250 4.18 -4.39 5.17
N ASN A 251 4.60 -5.54 4.66
CA ASN A 251 5.96 -6.02 4.86
C ASN A 251 6.96 -4.98 4.35
N ARG A 252 6.57 -4.20 3.37
CA ARG A 252 7.45 -3.17 2.85
C ARG A 252 7.71 -2.18 3.95
N PHE A 253 6.65 -1.80 4.68
CA PHE A 253 6.77 -0.75 5.70
C PHE A 253 7.47 -1.28 6.95
N VAL A 254 7.40 -2.58 7.20
CA VAL A 254 8.03 -3.20 8.35
C VAL A 254 9.52 -3.07 8.17
N SER A 255 9.99 -3.41 6.98
CA SER A 255 11.39 -3.22 6.57
C SER A 255 11.87 -1.77 6.65
N PHE A 256 11.07 -0.84 6.13
CA PHE A 256 11.45 0.54 6.22
C PHE A 256 11.47 0.99 7.68
N GLY A 257 10.48 0.53 8.45
CA GLY A 257 10.36 0.86 9.85
C GLY A 257 11.60 0.50 10.65
N LEU A 258 12.14 -0.68 10.40
CA LEU A 258 13.36 -1.09 11.07
C LEU A 258 14.54 -0.23 10.61
N HIS A 259 14.56 0.13 9.32
CA HIS A 259 15.61 0.98 8.71
C HIS A 259 15.63 2.32 9.43
N ALA A 260 14.47 2.92 9.57
CA ALA A 260 14.30 4.19 10.28
C ALA A 260 14.76 4.16 11.74
N MET A 261 14.42 3.06 12.42
CA MET A 261 14.72 2.92 13.86
C MET A 261 16.23 2.79 13.97
N ASN A 262 16.81 1.97 13.09
CA ASN A 262 18.25 1.77 13.06
C ASN A 262 19.08 3.03 12.76
N GLU A 263 18.54 3.92 11.93
CA GLU A 263 19.22 5.16 11.52
C GLU A 263 18.97 6.27 12.54
N ASN A 264 17.82 6.20 13.21
CA ASN A 264 17.49 7.11 14.29
C ASN A 264 17.25 6.35 15.60
N PRO A 265 18.29 5.91 16.30
CA PRO A 265 18.08 5.04 17.49
C PRO A 265 17.27 5.68 18.62
N ILE A 266 17.21 7.00 18.62
CA ILE A 266 16.38 7.76 19.52
C ILE A 266 14.88 7.35 19.46
N THR A 267 14.40 7.07 18.26
CA THR A 267 13.00 6.70 18.02
C THR A 267 12.68 5.42 18.74
N ARG A 268 13.69 4.58 18.90
CA ARG A 268 13.51 3.32 19.59
C ARG A 268 13.18 3.53 21.04
N GLU A 269 14.01 4.29 21.75
CA GLU A 269 13.75 4.63 23.15
C GLU A 269 12.36 5.24 23.36
N LYS A 270 11.92 6.08 22.45
CA LYS A 270 10.66 6.74 22.61
C LYS A 270 9.51 5.81 22.34
N ILE A 271 9.72 4.84 21.46
CA ILE A 271 8.72 3.82 21.28
C ILE A 271 8.47 3.09 22.62
N LYS A 272 9.52 2.81 23.39
CA LYS A 272 9.33 2.16 24.69
C LYS A 272 8.72 3.13 25.74
N SER A 273 9.27 4.33 25.81
CA SER A 273 8.95 5.30 26.87
C SER A 273 7.59 5.99 26.80
N GLU A 274 7.07 6.18 25.59
CA GLU A 274 5.92 7.06 25.36
C GLU A 274 4.80 6.33 24.61
N PRO A 275 3.64 6.10 25.25
CA PRO A 275 2.57 5.27 24.65
C PRO A 275 1.96 5.79 23.35
N ASP A 276 1.78 7.10 23.26
CA ASP A 276 1.37 7.79 22.03
C ASP A 276 2.30 7.55 20.82
N TYR A 277 3.57 7.26 21.08
CA TYR A 277 4.61 7.45 20.09
C TYR A 277 4.63 6.41 18.97
N ALA A 278 4.23 5.16 19.25
CA ALA A 278 4.25 4.15 18.21
C ALA A 278 3.36 4.60 17.02
N TYR A 279 2.26 5.29 17.34
CA TYR A 279 1.35 5.82 16.31
C TYR A 279 2.07 6.86 15.41
N LYS A 280 2.85 7.75 16.01
CA LYS A 280 3.54 8.77 15.26
C LYS A 280 4.63 8.19 14.41
N PHE A 281 5.29 7.20 14.93
CA PHE A 281 6.35 6.54 14.21
C PHE A 281 5.77 5.89 12.94
N ALA A 282 4.65 5.20 13.12
CA ALA A 282 4.00 4.46 12.08
C ALA A 282 3.59 5.43 10.98
N GLN A 283 3.01 6.55 11.37
CA GLN A 283 2.57 7.57 10.40
C GLN A 283 3.75 8.15 9.60
N GLU A 284 4.88 8.34 10.26
CA GLU A 284 6.02 8.95 9.63
C GLU A 284 6.74 7.97 8.77
N VAL A 285 6.64 6.67 9.06
CA VAL A 285 7.09 5.66 8.08
C VAL A 285 6.32 5.74 6.76
N ARG A 286 5.00 5.91 6.82
CA ARG A 286 4.12 5.98 5.65
C ARG A 286 4.31 7.28 4.88
N ARG A 287 4.43 8.41 5.57
CA ARG A 287 4.81 9.65 4.90
C ARG A 287 6.20 9.62 4.31
N TYR A 288 7.20 9.23 5.07
CA TYR A 288 8.59 9.45 4.62
C TYR A 288 9.12 8.49 3.51
N TYR A 289 8.84 7.21 3.64
CA TYR A 289 9.40 6.24 2.74
C TYR A 289 8.55 6.08 1.50
N PRO A 290 9.18 5.82 0.35
CA PRO A 290 8.49 5.60 -0.92
C PRO A 290 7.79 4.27 -1.10
N PHE A 291 6.59 4.32 -1.66
CA PHE A 291 5.89 3.14 -2.05
C PHE A 291 5.07 3.52 -3.29
N VAL A 292 3.95 4.21 -3.09
CA VAL A 292 3.13 4.62 -4.21
C VAL A 292 3.63 5.93 -4.82
N PRO A 293 4.06 5.90 -6.07
CA PRO A 293 4.57 7.10 -6.71
C PRO A 293 3.51 8.10 -7.14
N PHE A 294 2.40 7.62 -7.73
CA PHE A 294 1.38 8.49 -8.24
C PHE A 294 0.20 7.69 -8.78
N LEU A 295 -0.95 8.36 -8.92
CA LEU A 295 -2.21 7.69 -9.26
C LEU A 295 -2.82 8.28 -10.51
N PRO A 296 -3.32 7.46 -11.43
CA PRO A 296 -3.89 7.97 -12.69
C PRO A 296 -5.37 8.23 -12.65
N GLY A 297 -5.79 9.29 -13.31
CA GLY A 297 -7.22 9.61 -13.47
C GLY A 297 -7.36 10.31 -14.80
N LYS A 298 -8.52 10.91 -15.04
CA LYS A 298 -8.79 11.59 -16.32
C LYS A 298 -9.80 12.72 -16.13
N ALA A 299 -9.55 13.84 -16.82
CA ALA A 299 -10.40 15.00 -16.73
C ALA A 299 -11.66 14.80 -17.56
N LYS A 300 -12.81 14.99 -16.92
CA LYS A 300 -14.12 14.77 -17.56
C LYS A 300 -14.52 15.99 -18.33
N VAL A 301 -14.18 17.14 -17.77
CA VAL A 301 -14.47 18.44 -18.36
C VAL A 301 -13.22 19.27 -18.26
N ASP A 302 -13.22 20.48 -18.85
CA ASP A 302 -12.07 21.35 -18.73
C ASP A 302 -11.97 21.68 -17.26
N ILE A 303 -10.76 21.69 -16.70
CA ILE A 303 -10.59 22.12 -15.31
C ILE A 303 -9.57 23.24 -15.19
N ASP A 304 -9.99 24.35 -14.62
CA ASP A 304 -9.09 25.49 -14.35
C ASP A 304 -8.38 25.27 -12.99
N PHE A 305 -7.06 25.13 -13.02
CA PHE A 305 -6.35 24.69 -11.84
C PHE A 305 -5.01 25.39 -11.83
N GLN A 306 -4.71 26.02 -10.70
CA GLN A 306 -3.42 26.70 -10.47
C GLN A 306 -2.98 27.56 -11.66
N GLY A 307 -3.94 28.28 -12.22
CA GLY A 307 -3.65 29.28 -13.22
C GLY A 307 -3.75 28.79 -14.64
N VAL A 308 -3.82 27.46 -14.84
CA VAL A 308 -3.88 26.88 -16.19
C VAL A 308 -5.21 26.18 -16.34
N THR A 309 -5.54 25.77 -17.56
CA THR A 309 -6.77 25.02 -17.81
C THR A 309 -6.39 23.63 -18.26
N ILE A 310 -6.89 22.62 -17.56
CA ILE A 310 -6.66 21.21 -17.92
C ILE A 310 -7.80 20.82 -18.84
N PRO A 311 -7.50 20.42 -20.10
CA PRO A 311 -8.60 20.20 -21.06
C PRO A 311 -9.26 18.88 -20.86
N ALA A 312 -10.56 18.84 -21.13
CA ALA A 312 -11.30 17.61 -21.13
C ALA A 312 -10.58 16.50 -21.91
N GLY A 313 -10.46 15.32 -21.28
CA GLY A 313 -9.93 14.13 -21.95
C GLY A 313 -8.49 13.84 -21.59
N VAL A 314 -7.74 14.81 -21.09
CA VAL A 314 -6.32 14.60 -20.76
C VAL A 314 -6.20 13.72 -19.50
N GLY A 315 -5.17 12.88 -19.46
CA GLY A 315 -4.77 12.22 -18.24
C GLY A 315 -4.44 13.15 -17.06
N LEU A 316 -4.63 12.66 -15.84
CA LEU A 316 -4.22 13.34 -14.58
C LEU A 316 -3.42 12.36 -13.77
N ALA A 317 -2.41 12.85 -13.07
CA ALA A 317 -1.63 12.00 -12.16
C ALA A 317 -1.47 12.78 -10.89
N LEU A 318 -2.03 12.25 -9.80
CA LEU A 318 -1.84 12.80 -8.49
C LEU A 318 -0.50 12.29 -7.98
N ASP A 319 0.37 13.24 -7.65
CA ASP A 319 1.71 12.92 -7.17
C ASP A 319 1.64 12.61 -5.67
N VAL A 320 1.71 11.33 -5.34
CA VAL A 320 1.61 10.90 -3.97
C VAL A 320 2.95 11.18 -3.28
N TYR A 321 4.06 10.73 -3.88
CA TYR A 321 5.36 10.94 -3.28
C TYR A 321 5.69 12.42 -3.19
N GLY A 322 5.31 13.18 -4.20
CA GLY A 322 5.55 14.62 -4.19
C GLY A 322 4.79 15.31 -3.08
N THR A 323 3.55 14.91 -2.82
CA THR A 323 2.73 15.55 -1.81
C THR A 323 3.18 15.16 -0.41
N THR A 324 3.48 13.89 -0.17
CA THR A 324 4.05 13.47 1.12
C THR A 324 5.44 14.06 1.38
N HIS A 325 6.13 14.54 0.36
CA HIS A 325 7.38 15.28 0.59
C HIS A 325 7.38 16.76 0.20
N ASP A 326 6.20 17.36 0.21
CA ASP A 326 5.98 18.74 -0.21
C ASP A 326 6.43 19.64 0.96
N GLU A 327 7.47 20.44 0.69
CA GLU A 327 8.09 21.31 1.71
C GLU A 327 7.14 22.33 2.37
N SER A 328 6.08 22.76 1.70
CA SER A 328 5.14 23.65 2.37
C SER A 328 4.04 22.93 3.17
N LEU A 329 3.99 21.60 3.11
CA LEU A 329 3.06 20.87 3.97
C LEU A 329 3.76 20.26 5.15
N TRP A 330 5.06 20.04 4.99
CA TRP A 330 5.83 19.31 5.97
C TRP A 330 7.17 20.01 6.19
N ASP A 331 7.40 20.44 7.42
CA ASP A 331 8.59 21.16 7.75
C ASP A 331 9.74 20.18 7.72
N ASP A 332 10.74 20.44 6.87
CA ASP A 332 11.84 19.49 6.63
C ASP A 332 11.31 18.10 6.16
N PRO A 333 10.76 18.07 4.93
CA PRO A 333 10.11 16.87 4.42
C PRO A 333 11.02 15.65 4.34
N ASN A 334 12.33 15.86 4.20
CA ASN A 334 13.27 14.75 4.06
C ASN A 334 13.99 14.34 5.33
N GLU A 335 13.50 14.78 6.48
CA GLU A 335 13.96 14.31 7.79
C GLU A 335 12.88 13.46 8.44
N PHE A 336 13.31 12.33 8.98
CA PHE A 336 12.42 11.40 9.65
C PHE A 336 12.16 11.90 11.06
N ARG A 337 10.96 12.41 11.28
CA ARG A 337 10.61 13.09 12.52
C ARG A 337 9.20 12.75 12.98
N PRO A 338 9.06 11.65 13.75
CA PRO A 338 7.69 11.30 14.12
C PRO A 338 6.95 12.38 14.89
N GLU A 339 7.66 13.22 15.62
CA GLU A 339 6.97 14.27 16.41
C GLU A 339 6.10 15.20 15.56
N ARG A 340 6.38 15.31 14.26
CA ARG A 340 5.55 16.18 13.40
C ARG A 340 4.09 15.82 13.52
N PHE A 341 3.76 14.60 13.91
CA PHE A 341 2.36 14.20 14.02
C PHE A 341 1.65 14.52 15.34
N GLU A 342 2.35 15.17 16.28
CA GLU A 342 1.60 15.70 17.45
C GLU A 342 0.72 16.85 16.98
N THR A 343 1.17 17.61 15.98
CA THR A 343 0.47 18.82 15.52
C THR A 343 -0.39 18.68 14.24
N TRP A 344 -0.05 17.72 13.36
CA TRP A 344 -0.85 17.43 12.16
C TRP A 344 -2.34 17.38 12.45
N ASP A 345 -3.16 18.18 11.74
CA ASP A 345 -4.64 18.28 11.96
C ASP A 345 -5.52 17.23 11.27
N GLY A 346 -4.90 16.17 10.75
CA GLY A 346 -5.69 15.05 10.20
C GLY A 346 -6.37 15.29 8.87
N SER A 347 -5.83 16.21 8.07
CA SER A 347 -6.38 16.53 6.78
C SER A 347 -6.40 15.34 5.83
N PRO A 348 -7.53 15.14 5.13
CA PRO A 348 -7.58 14.07 4.13
C PRO A 348 -6.81 14.34 2.83
N PHE A 349 -5.98 15.37 2.78
CA PHE A 349 -5.37 15.76 1.50
C PHE A 349 -3.85 16.01 1.56
N ASP A 350 -3.24 15.81 2.73
CA ASP A 350 -1.77 16.03 2.78
C ASP A 350 -1.00 14.74 3.02
N LEU A 351 -1.41 14.00 4.04
CA LEU A 351 -0.86 12.67 4.27
C LEU A 351 -1.64 11.64 3.43
N ILE A 352 -1.24 11.49 2.15
CA ILE A 352 -1.99 10.66 1.23
C ILE A 352 -1.15 9.51 0.63
N PRO A 353 -0.29 8.85 1.42
CA PRO A 353 0.53 7.84 0.76
C PRO A 353 -0.27 6.59 0.41
N GLN A 354 -1.48 6.48 0.97
CA GLN A 354 -2.46 5.46 0.59
C GLN A 354 -3.71 6.11 0.01
N GLY A 355 -3.54 7.19 -0.71
CA GLY A 355 -4.68 7.91 -1.28
C GLY A 355 -5.23 9.01 -0.38
N GLY A 356 -6.13 9.80 -0.94
CA GLY A 356 -6.65 10.98 -0.28
C GLY A 356 -8.13 10.91 -0.45
N GLY A 357 -8.82 12.00 -0.09
CA GLY A 357 -10.26 12.09 -0.30
C GLY A 357 -10.98 11.37 0.83
N ASP A 358 -12.22 10.98 0.54
CA ASP A 358 -13.12 10.25 1.43
C ASP A 358 -13.14 8.72 1.23
N TYR A 359 -13.11 7.95 2.31
CA TYR A 359 -13.11 6.48 2.22
C TYR A 359 -14.27 5.88 1.45
N TRP A 360 -15.47 6.44 1.58
CA TRP A 360 -16.69 5.81 1.04
C TRP A 360 -17.04 6.26 -0.38
N THR A 361 -16.69 7.48 -0.74
CA THR A 361 -17.10 7.99 -2.05
C THR A 361 -15.93 8.16 -3.01
N ASN A 362 -14.69 8.03 -2.50
CA ASN A 362 -13.49 7.99 -3.33
C ASN A 362 -12.81 6.61 -3.30
N HIS A 363 -11.78 6.48 -4.11
CA HIS A 363 -11.01 5.26 -4.21
C HIS A 363 -9.93 5.17 -3.12
N ARG A 364 -9.99 6.07 -2.14
CA ARG A 364 -9.04 6.04 -1.05
C ARG A 364 -8.92 4.61 -0.44
N CYS A 365 -7.72 4.28 -0.01
CA CYS A 365 -7.37 2.97 0.54
C CYS A 365 -8.32 2.59 1.70
N ALA A 366 -8.88 1.40 1.61
CA ALA A 366 -9.79 0.88 2.62
C ALA A 366 -9.05 0.47 3.89
N GLY A 367 -7.74 0.26 3.81
CA GLY A 367 -6.98 -0.40 4.84
C GLY A 367 -5.93 0.43 5.52
N GLU A 368 -6.16 1.72 5.52
CA GLU A 368 -5.25 2.64 6.15
C GLU A 368 -5.21 2.37 7.65
N TRP A 369 -6.36 2.15 8.28
CA TRP A 369 -6.38 1.91 9.73
C TRP A 369 -5.67 0.61 10.10
N ILE A 370 -5.88 -0.43 9.29
CA ILE A 370 -5.12 -1.68 9.48
C ILE A 370 -3.64 -1.43 9.29
N THR A 371 -3.29 -0.60 8.33
CA THR A 371 -1.88 -0.42 8.08
C THR A 371 -1.20 0.17 9.31
N VAL A 372 -1.80 1.19 9.90
CA VAL A 372 -1.20 1.85 11.04
C VAL A 372 -1.27 0.94 12.27
N ILE A 373 -2.38 0.25 12.46
CA ILE A 373 -2.46 -0.66 13.57
C ILE A 373 -1.34 -1.69 13.54
N ILE A 374 -1.10 -2.27 12.37
CA ILE A 374 -0.10 -3.31 12.25
C ILE A 374 1.28 -2.79 12.38
N MET A 375 1.51 -1.55 11.94
CA MET A 375 2.86 -0.96 12.10
C MET A 375 3.15 -0.65 13.54
N GLU A 376 2.15 -0.17 14.28
CA GLU A 376 2.32 0.10 15.69
C GLU A 376 2.72 -1.16 16.42
N GLU A 377 1.96 -2.24 16.28
CA GLU A 377 2.32 -3.46 17.05
C GLU A 377 3.66 -4.00 16.64
N THR A 378 3.94 -4.00 15.35
CA THR A 378 5.20 -4.56 14.88
C THR A 378 6.41 -3.78 15.45
N MET A 379 6.41 -2.45 15.29
CA MET A 379 7.51 -1.61 15.76
C MET A 379 7.60 -1.65 17.28
N LYS A 380 6.47 -1.77 17.96
CA LYS A 380 6.52 -1.97 19.41
C LYS A 380 7.26 -3.25 19.75
N TYR A 381 7.01 -4.32 19.01
CA TYR A 381 7.71 -5.58 19.23
C TYR A 381 9.25 -5.52 18.98
N PHE A 382 9.65 -4.91 17.85
CA PHE A 382 11.05 -4.77 17.54
C PHE A 382 11.78 -3.79 18.47
N ALA A 383 11.05 -2.89 19.10
CA ALA A 383 11.69 -1.91 19.94
C ALA A 383 11.88 -2.43 21.35
N GLU A 384 10.86 -3.12 21.88
CA GLU A 384 10.78 -3.50 23.28
C GLU A 384 11.04 -4.97 23.60
N LYS A 385 10.70 -5.89 22.70
CA LYS A 385 10.67 -7.30 23.03
C LYS A 385 11.87 -8.09 22.59
N ILE A 386 12.59 -7.62 21.59
CA ILE A 386 13.83 -8.26 21.27
C ILE A 386 14.97 -7.27 21.24
N THR A 387 16.19 -7.81 21.28
CA THR A 387 17.38 -7.09 20.92
C THR A 387 17.97 -7.85 19.76
N TYR A 388 18.84 -7.18 19.03
CA TYR A 388 19.38 -7.77 17.84
C TYR A 388 20.48 -6.90 17.32
N ASP A 389 21.32 -7.50 16.49
CA ASP A 389 22.39 -6.79 15.81
C ASP A 389 22.12 -6.60 14.31
N VAL A 390 22.58 -5.45 13.79
CA VAL A 390 22.47 -5.14 12.37
C VAL A 390 23.86 -5.21 11.76
N PRO A 391 24.16 -6.29 11.02
CA PRO A 391 25.46 -6.42 10.42
C PRO A 391 25.60 -5.50 9.24
N GLU A 392 26.80 -5.43 8.72
CA GLU A 392 27.05 -4.65 7.55
C GLU A 392 26.37 -5.27 6.35
N GLN A 393 25.75 -4.41 5.55
CA GLN A 393 24.86 -4.82 4.47
C GLN A 393 24.49 -3.58 3.63
N ASP A 394 23.94 -3.78 2.46
CA ASP A 394 23.44 -2.64 1.67
C ASP A 394 22.09 -2.09 2.17
N LEU A 395 22.12 -1.01 2.95
CA LEU A 395 20.89 -0.37 3.46
C LEU A 395 20.34 0.77 2.59
N GLU A 396 20.83 0.87 1.38
CA GLU A 396 20.35 1.86 0.46
C GLU A 396 18.85 1.68 0.15
N VAL A 397 18.11 2.78 0.35
CA VAL A 397 16.84 3.03 -0.30
C VAL A 397 17.01 3.97 -1.50
N ASP A 398 16.99 3.41 -2.70
CA ASP A 398 17.22 4.19 -3.92
C ASP A 398 15.91 4.85 -4.37
N LEU A 399 15.82 6.16 -4.19
CA LEU A 399 14.66 6.95 -4.58
C LEU A 399 14.49 7.06 -6.11
N ASN A 400 15.55 6.76 -6.84
CA ASN A 400 15.46 6.68 -8.29
C ASN A 400 14.98 5.34 -8.84
N SER A 401 14.45 4.47 -7.98
CA SER A 401 14.01 3.18 -8.45
C SER A 401 12.70 2.75 -7.79
N ILE A 402 11.71 2.55 -8.64
CA ILE A 402 10.38 2.08 -8.27
C ILE A 402 10.37 0.59 -8.38
N PRO A 403 9.86 -0.11 -7.35
CA PRO A 403 9.30 0.30 -6.07
C PRO A 403 10.39 0.57 -5.05
N GLY A 404 10.04 1.26 -3.99
CA GLY A 404 11.03 1.57 -2.97
C GLY A 404 11.31 0.32 -2.16
N TYR A 405 12.59 0.02 -1.94
CA TYR A 405 13.00 -1.11 -1.11
C TYR A 405 14.31 -0.77 -0.40
N VAL A 406 14.54 -1.41 0.75
CA VAL A 406 15.87 -1.47 1.31
C VAL A 406 16.66 -2.51 0.51
N LYS A 407 17.81 -2.16 -0.07
CA LYS A 407 18.48 -3.13 -0.97
C LYS A 407 18.59 -4.53 -0.37
N SER A 408 19.02 -4.64 0.89
CA SER A 408 19.29 -5.97 1.52
C SER A 408 17.98 -6.63 2.02
N GLY A 409 16.89 -5.85 2.10
CA GLY A 409 15.68 -6.28 2.78
C GLY A 409 15.69 -5.96 4.28
N PHE A 410 16.81 -5.45 4.78
CA PHE A 410 17.07 -5.28 6.21
C PHE A 410 17.27 -6.61 6.98
N VAL A 411 18.53 -7.00 7.09
CA VAL A 411 18.94 -8.24 7.73
C VAL A 411 19.36 -7.96 9.13
N ILE A 412 18.95 -8.84 10.06
CA ILE A 412 19.34 -8.74 11.47
C ILE A 412 19.91 -10.07 11.94
N LYS A 413 20.67 -10.05 13.05
CA LYS A 413 21.31 -11.27 13.62
C LYS A 413 21.23 -11.25 15.13
N ASN A 414 21.61 -12.37 15.74
CA ASN A 414 21.72 -12.46 17.20
C ASN A 414 20.49 -11.88 17.86
N VAL A 415 19.34 -12.32 17.37
CA VAL A 415 18.11 -11.93 17.96
C VAL A 415 18.01 -12.65 19.32
N ARG A 416 17.52 -11.93 20.31
CA ARG A 416 17.41 -12.46 21.65
C ARG A 416 16.24 -11.75 22.29
N GLU A 417 15.33 -12.52 22.88
CA GLU A 417 14.19 -11.96 23.61
C GLU A 417 14.63 -11.13 24.84
N VAL A 418 13.90 -10.04 25.08
CA VAL A 418 14.10 -9.19 26.26
C VAL A 418 13.20 -9.70 27.37
N VAL A 419 13.81 -10.24 28.43
CA VAL A 419 13.06 -10.86 29.53
C VAL A 419 13.75 -10.53 30.84
N ASP A 420 13.05 -9.87 31.73
CA ASP A 420 13.54 -9.68 33.11
C ASP A 420 13.36 -10.98 33.90
N ARG A 421 14.43 -11.67 34.22
CA ARG A 421 14.30 -12.94 34.94
C ARG A 421 14.67 -12.85 36.43
N THR A 422 14.69 -11.63 36.96
CA THR A 422 14.94 -11.40 38.38
C THR A 422 13.60 -11.16 39.09
CHA HEM B . -6.55 1.40 -2.40
CHB HEM B . -2.06 2.07 -0.93
CHC HEM B . -2.62 -1.38 2.34
CHD HEM B . -7.09 -2.11 0.80
C1A HEM B . -5.31 1.88 -2.27
C2A HEM B . -4.78 2.99 -3.03
C3A HEM B . -3.55 3.19 -2.62
C4A HEM B . -3.27 2.23 -1.56
CMA HEM B . -2.63 4.28 -3.20
CAA HEM B . -5.50 3.81 -4.16
CBA HEM B . -6.09 5.16 -3.71
CGA HEM B . -6.76 5.77 -4.91
O1A HEM B . -7.18 6.95 -4.89
O2A HEM B . -6.90 5.11 -5.96
C1B HEM B . -1.78 1.10 -0.01
C2B HEM B . -0.46 0.82 0.57
C3B HEM B . -0.64 -0.15 1.45
C4B HEM B . -2.03 -0.48 1.49
CMB HEM B . 0.88 1.52 0.20
CAB HEM B . 0.46 -0.76 2.35
CBB HEM B . 1.28 -1.66 1.86
C1C HEM B . -3.92 -1.82 2.28
C2C HEM B . -4.58 -2.74 3.20
C3C HEM B . -5.79 -2.95 2.74
C4C HEM B . -5.97 -2.15 1.56
CMC HEM B . -3.97 -3.40 4.43
CAC HEM B . -6.89 -3.83 3.32
CBC HEM B . -6.69 -4.60 4.37
C1D HEM B . -7.26 -1.30 -0.28
C2D HEM B . -8.42 -1.38 -1.13
C3D HEM B . -8.29 -0.28 -2.10
C4D HEM B . -7.05 0.36 -1.75
CMD HEM B . -9.59 -2.36 -1.06
CAD HEM B . -9.25 0.06 -3.27
CBD HEM B . -10.20 1.13 -2.75
CGD HEM B . -11.17 1.61 -3.79
O1D HEM B . -12.19 2.25 -3.34
O2D HEM B . -10.90 1.40 -5.01
NA HEM B . -4.40 1.46 -1.36
NB HEM B . -2.71 0.30 0.60
NC HEM B . -4.83 -1.48 1.31
ND HEM B . -6.47 -0.23 -0.64
FE HEM B . -4.64 0.07 0.00
#